data_5M87
#
_entry.id   5M87
#
_cell.length_a   149.200
_cell.length_b   81.650
_cell.length_c   96.230
_cell.angle_alpha   90.00
_cell.angle_beta   107.57
_cell.angle_gamma   90.00
#
_symmetry.space_group_name_H-M   'C 1 2 1'
#
loop_
_entity.id
_entity.type
_entity.pdbx_description
1 polymer 'Divalent metal cation transporter MntH'
2 non-polymer DECYL-BETA-D-MALTOPYRANOSIDE
#
_entity_poly.entity_id   1
_entity_poly.type   'polypeptide(L)'
_entity_poly.pdbx_seq_one_letter_code
;MSETQSQTMTRPQDLSLSDINSTVEVPEGHSFWKTLLAYSGPGALVAVGYMDPGNWSTSITGGQNFQYLLLSIIVISSLL
AMLLQNMAAKLGIVCQLDLAQAIRARTSRRLGFIFWILTELAIMATDIAEVIGAAIALYLLFKIPIFLAVVITVLDVFLL
LLLNRIGFRKIEALVVCLIFVILFVFLYQIILSQPAWHQVAKGLIPSWASVQTSPKIGGQTPLSASLGIIGATIMPHNLF
LHSAISQSRKIDRTDSSKVAEAVRFSNWDSNIQLSLAMVVNALLLIMGVAVFKSGAVQDPSFFGLYQALSNPDMVSNPVL
AEAARSGVLSTLFAVALLASGQNSTITGTITGQVIMEGFIHLRLPLWLRRLVTRLIAIIPVVVCVAITSHQGSLDEHQAL
NNLMNNSQVFLALALPFSIVPLLMLTDSAAQMGNQFKNTRWVKVMGWLTVIILTLLNLISISSQIAGFFGDNPSSQDLLL
SQVISIGIILAMIGLLIWTIIDIRRFTHPKQKALEVLFQ
;
_entity_poly.pdbx_strand_id   A
#
loop_
_chem_comp.id
_chem_comp.type
_chem_comp.name
_chem_comp.formula
DMU D-saccharide DECYL-BETA-D-MALTOPYRANOSIDE 'C22 H42 O11'
#
# COMPACT_ATOMS: atom_id res chain seq x y z
N ASP A 14 19.79 -1.95 -19.94
CA ASP A 14 19.22 -0.66 -20.34
C ASP A 14 17.69 -0.73 -20.33
N LEU A 15 17.16 -1.93 -20.07
CA LEU A 15 15.73 -2.15 -19.97
C LEU A 15 15.37 -2.58 -18.56
N SER A 16 14.14 -2.25 -18.15
CA SER A 16 13.73 -2.44 -16.76
C SER A 16 13.59 -3.91 -16.41
N LEU A 17 14.08 -4.28 -15.24
CA LEU A 17 14.04 -5.65 -14.73
C LEU A 17 14.63 -6.63 -15.75
N SER A 18 15.90 -6.38 -16.09
CA SER A 18 16.57 -7.13 -17.15
C SER A 18 16.62 -8.63 -16.87
N ASP A 19 16.51 -9.04 -15.59
CA ASP A 19 16.61 -10.46 -15.27
C ASP A 19 15.35 -11.23 -15.63
N ILE A 20 14.18 -10.58 -15.58
CA ILE A 20 12.92 -11.29 -15.76
C ILE A 20 12.02 -10.55 -16.76
N ASN A 21 12.59 -9.60 -17.51
CA ASN A 21 11.81 -8.87 -18.49
C ASN A 21 11.50 -9.75 -19.68
N SER A 22 10.21 -9.84 -20.03
CA SER A 22 9.73 -10.61 -21.18
C SER A 22 10.18 -12.07 -21.08
N THR A 23 9.81 -12.70 -19.97
CA THR A 23 10.28 -14.06 -19.68
C THR A 23 9.43 -15.11 -20.38
N VAL A 24 8.14 -15.20 -20.01
CA VAL A 24 7.26 -16.23 -20.54
C VAL A 24 6.07 -15.54 -21.20
N GLU A 25 5.95 -15.71 -22.51
CA GLU A 25 4.74 -15.32 -23.23
C GLU A 25 4.00 -16.61 -23.62
N VAL A 26 2.79 -16.77 -23.11
CA VAL A 26 2.02 -17.97 -23.39
C VAL A 26 0.62 -17.73 -23.96
N PRO A 27 0.34 -16.66 -24.71
CA PRO A 27 -0.94 -16.62 -25.42
C PRO A 27 -0.99 -17.71 -26.48
N GLU A 28 -2.09 -18.47 -26.50
CA GLU A 28 -2.25 -19.62 -27.41
C GLU A 28 -3.57 -19.47 -28.15
N GLY A 29 -3.57 -18.64 -29.19
CA GLY A 29 -4.78 -18.40 -29.93
C GLY A 29 -5.78 -17.66 -29.07
N HIS A 30 -6.95 -18.27 -28.85
CA HIS A 30 -8.00 -17.67 -28.03
C HIS A 30 -8.18 -18.41 -26.70
N SER A 31 -7.25 -19.30 -26.34
CA SER A 31 -7.29 -19.97 -25.04
C SER A 31 -6.99 -18.95 -23.96
N PHE A 32 -8.02 -18.18 -23.60
CA PHE A 32 -7.81 -17.00 -22.76
C PHE A 32 -7.53 -17.37 -21.31
N TRP A 33 -8.37 -18.23 -20.72
CA TRP A 33 -8.30 -18.46 -19.28
C TRP A 33 -7.00 -19.14 -18.87
N LYS A 34 -6.48 -20.05 -19.69
CA LYS A 34 -5.15 -20.58 -19.43
C LYS A 34 -4.09 -19.51 -19.59
N THR A 35 -4.25 -18.66 -20.60
CA THR A 35 -3.39 -17.50 -20.77
C THR A 35 -3.52 -16.56 -19.57
N LEU A 36 -4.71 -16.45 -18.99
CA LEU A 36 -4.89 -15.71 -17.75
C LEU A 36 -4.10 -16.35 -16.62
N LEU A 37 -4.15 -17.67 -16.51
CA LEU A 37 -3.43 -18.37 -15.44
C LEU A 37 -1.93 -18.12 -15.53
N ALA A 38 -1.39 -17.96 -16.74
CA ALA A 38 0.05 -17.87 -16.90
C ALA A 38 0.62 -16.59 -16.30
N TYR A 39 0.05 -15.43 -16.65
CA TYR A 39 0.61 -14.15 -16.23
C TYR A 39 -0.16 -13.52 -15.07
N SER A 40 -0.93 -14.30 -14.31
CA SER A 40 -1.67 -13.71 -13.20
C SER A 40 -0.75 -13.18 -12.11
N GLY A 41 0.54 -13.46 -12.20
CA GLY A 41 1.50 -13.11 -11.19
C GLY A 41 1.61 -11.65 -10.82
N PRO A 42 1.84 -10.78 -11.82
CA PRO A 42 2.07 -9.35 -11.51
C PRO A 42 1.01 -8.71 -10.62
N GLY A 43 -0.28 -8.95 -10.88
CA GLY A 43 -1.32 -8.27 -10.14
C GLY A 43 -1.29 -8.56 -8.66
N ALA A 44 -0.98 -9.82 -8.29
CA ALA A 44 -0.94 -10.19 -6.88
C ALA A 44 0.21 -9.50 -6.17
N LEU A 45 1.37 -9.41 -6.84
CA LEU A 45 2.53 -8.73 -6.26
C LEU A 45 2.20 -7.28 -5.94
N VAL A 46 1.38 -6.64 -6.76
CA VAL A 46 1.00 -5.25 -6.52
C VAL A 46 -0.05 -5.18 -5.42
N ALA A 47 -1.01 -6.11 -5.43
CA ALA A 47 -2.14 -6.01 -4.52
C ALA A 47 -1.75 -6.31 -3.08
N VAL A 48 -0.85 -7.28 -2.88
CA VAL A 48 -0.47 -7.69 -1.53
C VAL A 48 0.08 -6.51 -0.75
N GLY A 49 0.66 -5.52 -1.45
CA GLY A 49 1.08 -4.30 -0.79
C GLY A 49 -0.06 -3.51 -0.19
N TYR A 50 -1.23 -3.56 -0.82
CA TYR A 50 -2.40 -2.85 -0.34
C TYR A 50 -3.07 -3.55 0.83
N MET A 51 -2.45 -4.61 1.36
CA MET A 51 -2.95 -5.30 2.54
C MET A 51 -2.00 -5.17 3.72
N ASP A 52 -1.03 -4.26 3.65
CA ASP A 52 -0.07 -4.12 4.73
C ASP A 52 -0.77 -3.57 5.98
N PRO A 53 -0.24 -3.84 7.18
CA PRO A 53 -0.94 -3.45 8.40
C PRO A 53 -0.85 -1.97 8.72
N GLY A 54 -0.33 -1.17 7.79
CA GLY A 54 -0.27 0.27 7.97
C GLY A 54 -1.62 0.95 8.13
N ASN A 55 -2.70 0.29 7.69
CA ASN A 55 -4.05 0.85 7.81
C ASN A 55 -5.03 -0.18 8.36
N TRP A 56 -4.54 -1.25 9.00
CA TRP A 56 -5.43 -2.24 9.57
C TRP A 56 -6.27 -1.66 10.70
N SER A 57 -5.65 -0.84 11.55
CA SER A 57 -6.37 -0.23 12.67
C SER A 57 -7.42 0.76 12.17
N THR A 58 -7.09 1.53 11.13
CA THR A 58 -8.00 2.56 10.66
C THR A 58 -9.26 1.96 10.05
N SER A 59 -9.19 0.75 9.50
CA SER A 59 -10.38 0.08 9.01
C SER A 59 -11.24 -0.43 10.17
N ILE A 60 -10.60 -1.02 11.18
CA ILE A 60 -11.33 -1.47 12.36
C ILE A 60 -11.90 -0.28 13.11
N THR A 61 -11.09 0.77 13.28
CA THR A 61 -11.57 1.99 13.95
C THR A 61 -12.73 2.61 13.17
N GLY A 62 -12.60 2.69 11.84
CA GLY A 62 -13.70 3.18 11.03
C GLY A 62 -14.94 2.31 11.14
N GLY A 63 -14.75 1.02 11.41
CA GLY A 63 -15.90 0.14 11.59
C GLY A 63 -16.61 0.40 12.90
N GLN A 64 -15.86 0.46 14.00
CA GLN A 64 -16.46 0.75 15.30
C GLN A 64 -17.13 2.11 15.31
N ASN A 65 -16.45 3.13 14.77
CA ASN A 65 -17.03 4.47 14.76
C ASN A 65 -18.21 4.57 13.79
N PHE A 66 -18.18 3.83 12.69
CA PHE A 66 -19.26 3.84 11.70
C PHE A 66 -19.46 2.41 11.21
N GLN A 67 -20.34 1.68 11.88
CA GLN A 67 -20.70 0.32 11.49
C GLN A 67 -21.11 0.25 10.02
N TYR A 68 -20.28 -0.38 9.19
CA TYR A 68 -20.58 -0.70 7.80
C TYR A 68 -20.72 0.53 6.91
N LEU A 69 -20.75 1.73 7.51
CA LEU A 69 -20.97 2.94 6.72
C LEU A 69 -19.82 3.17 5.73
N LEU A 70 -18.59 2.99 6.18
CA LEU A 70 -17.42 3.30 5.37
C LEU A 70 -17.05 2.20 4.39
N LEU A 71 -17.92 1.21 4.19
CA LEU A 71 -17.60 0.13 3.27
C LEU A 71 -17.61 0.61 1.82
N SER A 72 -18.48 1.57 1.49
CA SER A 72 -18.52 2.07 0.12
C SER A 72 -17.26 2.86 -0.22
N ILE A 73 -16.71 3.59 0.76
CA ILE A 73 -15.49 4.37 0.52
C ILE A 73 -14.34 3.43 0.21
N ILE A 74 -14.29 2.26 0.86
CA ILE A 74 -13.30 1.25 0.52
C ILE A 74 -13.43 0.84 -0.93
N VAL A 75 -14.67 0.65 -1.40
CA VAL A 75 -14.90 0.24 -2.79
C VAL A 75 -14.41 1.32 -3.75
N ILE A 76 -14.76 2.58 -3.46
CA ILE A 76 -14.36 3.67 -4.36
C ILE A 76 -12.85 3.81 -4.41
N SER A 77 -12.20 3.79 -3.24
CA SER A 77 -10.74 3.87 -3.20
C SER A 77 -10.11 2.72 -3.98
N SER A 78 -10.63 1.50 -3.80
CA SER A 78 -10.10 0.37 -4.55
C SER A 78 -10.31 0.53 -6.05
N LEU A 79 -11.40 1.18 -6.45
CA LEU A 79 -11.64 1.40 -7.88
C LEU A 79 -10.63 2.39 -8.44
N LEU A 80 -10.38 3.49 -7.73
CA LEU A 80 -9.38 4.45 -8.19
C LEU A 80 -8.00 3.82 -8.27
N ALA A 81 -7.63 3.04 -7.24
CA ALA A 81 -6.35 2.34 -7.25
C ALA A 81 -6.26 1.38 -8.44
N MET A 82 -7.36 0.69 -8.75
CA MET A 82 -7.38 -0.16 -9.93
C MET A 82 -7.17 0.65 -11.20
N LEU A 83 -7.73 1.86 -11.25
CA LEU A 83 -7.57 2.71 -12.42
C LEU A 83 -6.10 3.09 -12.63
N LEU A 84 -5.50 3.76 -11.64
CA LEU A 84 -4.13 4.22 -11.80
C LEU A 84 -3.17 3.04 -11.98
N GLN A 85 -3.42 1.94 -11.27
CA GLN A 85 -2.59 0.75 -11.43
C GLN A 85 -2.67 0.20 -12.85
N ASN A 86 -3.88 0.12 -13.40
CA ASN A 86 -4.04 -0.32 -14.79
C ASN A 86 -3.30 0.62 -15.74
N MET A 87 -3.29 1.92 -15.44
CA MET A 87 -2.57 2.86 -16.28
C MET A 87 -1.07 2.57 -16.26
N ALA A 88 -0.50 2.36 -15.07
CA ALA A 88 0.92 2.01 -14.99
C ALA A 88 1.22 0.72 -15.74
N ALA A 89 0.37 -0.30 -15.57
CA ALA A 89 0.54 -1.53 -16.32
C ALA A 89 0.49 -1.29 -17.83
N LYS A 90 -0.33 -0.33 -18.26
CA LYS A 90 -0.37 0.00 -19.68
C LYS A 90 0.91 0.65 -20.14
N LEU A 91 1.48 1.56 -19.33
CA LEU A 91 2.76 2.15 -19.69
C LEU A 91 3.83 1.08 -19.84
N GLY A 92 3.89 0.15 -18.89
CA GLY A 92 4.88 -0.92 -18.98
C GLY A 92 4.67 -1.80 -20.20
N ILE A 93 3.43 -2.25 -20.42
CA ILE A 93 3.13 -3.18 -21.51
C ILE A 93 3.41 -2.53 -22.86
N VAL A 94 2.84 -1.35 -23.10
CA VAL A 94 2.98 -0.69 -24.39
C VAL A 94 4.41 -0.22 -24.61
N CYS A 95 4.93 0.62 -23.70
CA CYS A 95 6.21 1.25 -23.93
C CYS A 95 7.40 0.34 -23.66
N GLN A 96 7.17 -0.86 -23.10
CA GLN A 96 8.25 -1.80 -22.78
C GLN A 96 9.29 -1.16 -21.86
N LEU A 97 8.86 -0.17 -21.07
CA LEU A 97 9.72 0.53 -20.12
C LEU A 97 8.88 0.97 -18.94
N ASP A 98 9.51 1.07 -17.77
CA ASP A 98 8.77 1.35 -16.55
C ASP A 98 8.46 2.84 -16.45
N LEU A 99 7.72 3.21 -15.40
CA LEU A 99 7.39 4.61 -15.18
C LEU A 99 8.62 5.43 -14.82
N ALA A 100 9.58 4.83 -14.10
CA ALA A 100 10.79 5.56 -13.73
C ALA A 100 11.63 5.89 -14.96
N GLN A 101 11.71 4.95 -15.91
CA GLN A 101 12.49 5.20 -17.12
C GLN A 101 11.83 6.25 -18.00
N ALA A 102 10.49 6.27 -18.04
CA ALA A 102 9.80 7.30 -18.80
C ALA A 102 10.04 8.68 -18.21
N ILE A 103 9.81 8.83 -16.90
CA ILE A 103 10.00 10.11 -16.24
C ILE A 103 11.45 10.58 -16.39
N ARG A 104 12.40 9.71 -16.03
CA ARG A 104 13.81 10.06 -16.14
C ARG A 104 14.21 10.40 -17.57
N ALA A 105 13.59 9.75 -18.56
CA ALA A 105 13.90 10.07 -19.94
C ALA A 105 13.27 11.39 -20.37
N ARG A 106 12.20 11.82 -19.72
CA ARG A 106 11.50 13.05 -20.09
C ARG A 106 11.79 14.21 -19.14
N THR A 107 12.75 14.05 -18.23
CA THR A 107 13.18 15.17 -17.39
C THR A 107 14.68 15.02 -17.13
N SER A 108 15.23 15.99 -16.40
CA SER A 108 16.66 16.02 -16.12
C SER A 108 17.03 14.95 -15.11
N ARG A 109 18.30 14.95 -14.70
CA ARG A 109 18.77 14.01 -13.69
C ARG A 109 18.45 14.49 -12.28
N ARG A 110 18.49 15.80 -12.04
CA ARG A 110 18.22 16.31 -10.70
C ARG A 110 16.76 16.11 -10.30
N LEU A 111 15.85 16.09 -11.27
CA LEU A 111 14.46 15.74 -10.95
C LEU A 111 14.29 14.24 -10.78
N GLY A 112 15.00 13.44 -11.59
CA GLY A 112 15.00 12.00 -11.39
C GLY A 112 15.66 11.60 -10.07
N PHE A 113 16.60 12.42 -9.59
CA PHE A 113 17.22 12.16 -8.30
C PHE A 113 16.29 12.53 -7.15
N ILE A 114 15.59 13.66 -7.26
CA ILE A 114 14.59 14.03 -6.26
C ILE A 114 13.49 12.98 -6.19
N PHE A 115 12.97 12.59 -7.35
CA PHE A 115 11.97 11.53 -7.39
C PHE A 115 12.53 10.23 -6.82
N TRP A 116 13.81 9.96 -7.08
CA TRP A 116 14.43 8.75 -6.54
C TRP A 116 14.42 8.75 -5.02
N ILE A 117 14.99 9.80 -4.40
CA ILE A 117 15.06 9.83 -2.95
C ILE A 117 13.66 9.84 -2.34
N LEU A 118 12.71 10.51 -3.00
CA LEU A 118 11.35 10.56 -2.47
C LEU A 118 10.70 9.17 -2.47
N THR A 119 10.76 8.47 -3.60
CA THR A 119 10.15 7.13 -3.65
C THR A 119 10.91 6.15 -2.77
N GLU A 120 12.24 6.30 -2.66
CA GLU A 120 13.00 5.51 -1.70
C GLU A 120 12.48 5.74 -0.28
N LEU A 121 12.12 6.98 0.04
CA LEU A 121 11.54 7.26 1.35
C LEU A 121 10.14 6.67 1.49
N ALA A 122 9.39 6.58 0.38
CA ALA A 122 8.05 5.99 0.44
C ALA A 122 8.14 4.49 0.73
N ILE A 123 8.90 3.76 -0.09
CA ILE A 123 9.08 2.33 0.14
C ILE A 123 9.77 2.10 1.48
N MET A 124 10.55 3.07 1.95
CA MET A 124 11.14 2.96 3.28
C MET A 124 10.07 3.05 4.35
N ALA A 125 9.07 3.93 4.16
CA ALA A 125 7.97 4.03 5.11
C ALA A 125 7.18 2.74 5.16
N THR A 126 6.81 2.22 3.98
CA THR A 126 6.16 0.91 3.95
C THR A 126 7.00 -0.14 4.66
N ASP A 127 8.32 -0.10 4.45
CA ASP A 127 9.21 -1.06 5.09
C ASP A 127 9.20 -0.91 6.61
N ILE A 128 9.09 0.33 7.09
CA ILE A 128 8.99 0.56 8.53
C ILE A 128 7.70 -0.05 9.08
N ALA A 129 6.59 0.14 8.36
CA ALA A 129 5.34 -0.51 8.77
C ALA A 129 5.50 -2.02 8.81
N GLU A 130 6.14 -2.61 7.80
CA GLU A 130 6.25 -4.07 7.73
C GLU A 130 7.18 -4.62 8.79
N VAL A 131 8.26 -3.91 9.12
CA VAL A 131 9.17 -4.40 10.15
C VAL A 131 8.54 -4.27 11.54
N ILE A 132 7.78 -3.19 11.76
CA ILE A 132 7.08 -3.04 13.03
C ILE A 132 6.03 -4.14 13.20
N GLY A 133 5.22 -4.34 12.16
CA GLY A 133 4.17 -5.35 12.25
C GLY A 133 4.71 -6.77 12.35
N ALA A 134 5.81 -7.05 11.64
CA ALA A 134 6.40 -8.39 11.68
C ALA A 134 7.08 -8.64 13.02
N ALA A 135 7.84 -7.66 13.52
CA ALA A 135 8.48 -7.81 14.82
C ALA A 135 7.45 -8.01 15.93
N ILE A 136 6.39 -7.19 15.92
CA ILE A 136 5.32 -7.38 16.90
C ILE A 136 4.67 -8.75 16.71
N ALA A 137 4.53 -9.19 15.45
CA ALA A 137 4.00 -10.53 15.19
C ALA A 137 4.86 -11.60 15.87
N LEU A 138 6.18 -11.42 15.87
CA LEU A 138 7.04 -12.36 16.59
C LEU A 138 6.85 -12.24 18.09
N TYR A 139 6.76 -11.01 18.60
CA TYR A 139 6.55 -10.79 20.03
C TYR A 139 5.26 -11.43 20.52
N LEU A 140 4.27 -11.56 19.63
CA LEU A 140 2.98 -12.15 19.99
C LEU A 140 2.98 -13.66 19.82
N LEU A 141 3.45 -14.15 18.68
CA LEU A 141 3.46 -15.59 18.40
C LEU A 141 4.51 -16.31 19.24
N PHE A 142 5.79 -16.00 19.00
CA PHE A 142 6.87 -16.72 19.65
C PHE A 142 7.32 -16.09 20.95
N LYS A 143 6.65 -15.03 21.40
CA LYS A 143 6.98 -14.33 22.64
C LYS A 143 8.44 -13.88 22.66
N ILE A 144 9.00 -13.65 21.48
CA ILE A 144 10.37 -13.12 21.39
C ILE A 144 10.39 -11.71 21.98
N PRO A 145 11.43 -11.33 22.74
CA PRO A 145 11.51 -9.95 23.21
C PRO A 145 11.40 -8.95 22.07
N ILE A 146 10.82 -7.79 22.38
CA ILE A 146 10.52 -6.79 21.35
C ILE A 146 11.78 -6.33 20.65
N PHE A 147 12.87 -6.14 21.41
CA PHE A 147 14.12 -5.69 20.80
C PHE A 147 14.75 -6.77 19.94
N LEU A 148 14.54 -8.05 20.30
CA LEU A 148 15.12 -9.14 19.51
C LEU A 148 14.30 -9.44 18.26
N ALA A 149 12.99 -9.22 18.29
CA ALA A 149 12.16 -9.49 17.13
C ALA A 149 12.53 -8.60 15.95
N VAL A 150 12.93 -7.36 16.23
CA VAL A 150 13.32 -6.44 15.16
C VAL A 150 14.61 -6.92 14.48
N VAL A 151 15.65 -7.15 15.28
CA VAL A 151 16.91 -7.65 14.71
C VAL A 151 16.73 -9.03 14.11
N ILE A 152 15.65 -9.74 14.45
CA ILE A 152 15.31 -10.96 13.73
C ILE A 152 14.71 -10.63 12.37
N THR A 153 13.87 -9.59 12.31
CA THR A 153 13.33 -9.16 11.03
C THR A 153 14.42 -8.66 10.09
N VAL A 154 15.54 -8.18 10.65
CA VAL A 154 16.64 -7.75 9.79
C VAL A 154 17.19 -8.92 8.98
N LEU A 155 17.03 -10.15 9.47
CA LEU A 155 17.52 -11.35 8.78
C LEU A 155 16.73 -11.68 7.51
N ASP A 156 15.79 -10.87 7.02
CA ASP A 156 15.03 -11.24 5.83
C ASP A 156 15.87 -11.20 4.55
N VAL A 157 17.12 -10.74 4.63
CA VAL A 157 17.98 -10.73 3.45
C VAL A 157 18.26 -12.15 2.98
N PHE A 158 18.41 -13.08 3.94
CA PHE A 158 18.60 -14.49 3.58
C PHE A 158 17.33 -15.09 3.00
N LEU A 159 16.18 -14.73 3.57
CA LEU A 159 14.91 -15.11 2.95
C LEU A 159 14.78 -14.54 1.55
N LEU A 160 15.48 -13.44 1.28
CA LEU A 160 15.55 -12.92 -0.09
C LEU A 160 16.51 -13.72 -0.95
N LEU A 161 17.57 -14.26 -0.35
CA LEU A 161 18.50 -15.11 -1.10
C LEU A 161 17.81 -16.41 -1.53
N LEU A 162 17.10 -17.07 -0.60
CA LEU A 162 16.28 -18.20 -0.99
C LEU A 162 15.14 -17.76 -1.90
N LEU A 163 14.63 -16.56 -1.70
CA LEU A 163 13.56 -16.03 -2.55
C LEU A 163 14.03 -15.85 -3.98
N ASN A 164 15.34 -15.66 -4.20
CA ASN A 164 15.86 -15.29 -5.50
C ASN A 164 15.93 -16.48 -6.46
N ARG A 165 16.07 -17.69 -5.94
CA ARG A 165 16.23 -18.88 -6.77
C ARG A 165 14.91 -19.53 -7.15
N ILE A 166 13.79 -19.03 -6.66
CA ILE A 166 12.52 -19.74 -6.82
C ILE A 166 11.94 -19.53 -8.22
N GLY A 167 11.79 -18.28 -8.63
CA GLY A 167 11.21 -18.01 -9.93
C GLY A 167 9.82 -17.41 -9.81
N PHE A 168 9.47 -16.55 -10.77
CA PHE A 168 8.26 -15.76 -10.66
C PHE A 168 6.99 -16.58 -10.85
N ARG A 169 7.06 -17.74 -11.51
CA ARG A 169 5.88 -18.59 -11.58
C ARG A 169 5.47 -19.09 -10.20
N LYS A 170 6.44 -19.20 -9.29
CA LYS A 170 6.17 -19.60 -7.91
C LYS A 170 6.23 -18.44 -6.92
N ILE A 171 7.11 -17.47 -7.16
CA ILE A 171 7.16 -16.28 -6.31
C ILE A 171 5.83 -15.55 -6.36
N GLU A 172 5.33 -15.28 -7.56
CA GLU A 172 4.06 -14.60 -7.72
C GLU A 172 2.89 -15.46 -7.27
N ALA A 173 3.09 -16.78 -7.13
CA ALA A 173 2.10 -17.65 -6.51
C ALA A 173 2.28 -17.73 -5.01
N LEU A 174 3.52 -17.60 -4.52
CA LEU A 174 3.75 -17.47 -3.08
C LEU A 174 3.10 -16.22 -2.53
N VAL A 175 3.16 -15.12 -3.28
CA VAL A 175 2.45 -13.90 -2.89
C VAL A 175 0.95 -14.16 -2.79
N VAL A 176 0.41 -14.94 -3.72
CA VAL A 176 -0.98 -15.37 -3.63
C VAL A 176 -1.22 -16.17 -2.37
N CYS A 177 -0.26 -17.03 -2.01
CA CYS A 177 -0.37 -17.82 -0.79
C CYS A 177 -0.50 -16.91 0.44
N LEU A 178 0.37 -15.90 0.53
CA LEU A 178 0.24 -14.94 1.62
C LEU A 178 -1.10 -14.22 1.57
N ILE A 179 -1.54 -13.83 0.38
CA ILE A 179 -2.79 -13.08 0.23
C ILE A 179 -3.97 -13.86 0.78
N PHE A 180 -4.05 -15.15 0.44
CA PHE A 180 -5.13 -15.97 0.97
C PHE A 180 -4.89 -16.40 2.41
N VAL A 181 -3.65 -16.30 2.90
CA VAL A 181 -3.41 -16.50 4.33
C VAL A 181 -4.07 -15.38 5.13
N ILE A 182 -3.73 -14.13 4.81
CA ILE A 182 -4.32 -13.02 5.55
C ILE A 182 -5.79 -12.81 5.20
N LEU A 183 -6.24 -13.33 4.05
CA LEU A 183 -7.64 -13.23 3.68
C LEU A 183 -8.48 -14.26 4.43
N PHE A 184 -7.98 -15.49 4.55
CA PHE A 184 -8.72 -16.53 5.25
C PHE A 184 -8.61 -16.41 6.77
N VAL A 185 -7.54 -15.78 7.26
CA VAL A 185 -7.41 -15.55 8.71
C VAL A 185 -8.52 -14.60 9.18
N PHE A 186 -8.73 -13.51 8.45
CA PHE A 186 -9.77 -12.55 8.84
C PHE A 186 -11.15 -13.01 8.40
N LEU A 187 -11.25 -13.74 7.29
CA LEU A 187 -12.54 -14.29 6.90
C LEU A 187 -13.02 -15.36 7.89
N TYR A 188 -12.08 -16.09 8.49
CA TYR A 188 -12.47 -17.12 9.46
C TYR A 188 -13.09 -16.50 10.70
N GLN A 189 -12.51 -15.41 11.21
CA GLN A 189 -13.08 -14.74 12.36
C GLN A 189 -14.37 -14.01 12.02
N ILE A 190 -14.63 -13.76 10.74
CA ILE A 190 -15.92 -13.20 10.33
C ILE A 190 -16.96 -14.31 10.17
N ILE A 191 -16.53 -15.48 9.68
CA ILE A 191 -17.43 -16.62 9.57
C ILE A 191 -17.95 -17.02 10.94
N LEU A 192 -17.07 -17.04 11.95
CA LEU A 192 -17.50 -17.34 13.30
C LEU A 192 -18.41 -16.25 13.86
N SER A 193 -18.26 -15.01 13.39
CA SER A 193 -19.02 -13.90 13.94
C SER A 193 -20.49 -13.96 13.54
N GLN A 194 -20.78 -14.49 12.35
CA GLN A 194 -22.12 -14.51 11.79
C GLN A 194 -22.71 -13.10 11.79
N PRO A 195 -22.19 -12.20 10.97
CA PRO A 195 -22.69 -10.83 10.97
C PRO A 195 -23.95 -10.68 10.13
N ALA A 196 -24.64 -9.57 10.37
CA ALA A 196 -25.83 -9.24 9.58
C ALA A 196 -25.41 -8.77 8.20
N TRP A 197 -25.32 -9.70 7.24
CA TRP A 197 -24.85 -9.38 5.90
C TRP A 197 -25.78 -8.44 5.15
N HIS A 198 -27.01 -8.23 5.63
CA HIS A 198 -27.89 -7.26 4.98
C HIS A 198 -27.42 -5.83 5.25
N GLN A 199 -26.98 -5.56 6.47
CA GLN A 199 -26.44 -4.24 6.80
C GLN A 199 -25.10 -4.00 6.09
N VAL A 200 -24.34 -5.07 5.84
CA VAL A 200 -23.12 -4.96 5.06
C VAL A 200 -23.43 -4.53 3.63
N ALA A 201 -24.38 -5.23 2.99
CA ALA A 201 -24.80 -4.85 1.65
C ALA A 201 -25.25 -3.39 1.61
N LYS A 202 -26.08 -3.00 2.58
CA LYS A 202 -26.51 -1.60 2.67
C LYS A 202 -25.34 -0.65 2.86
N GLY A 203 -24.29 -1.10 3.54
CA GLY A 203 -23.12 -0.26 3.73
C GLY A 203 -22.30 -0.09 2.46
N LEU A 204 -22.28 -1.11 1.61
CA LEU A 204 -21.47 -1.06 0.39
C LEU A 204 -22.02 -0.09 -0.66
N ILE A 205 -23.16 0.53 -0.44
CA ILE A 205 -23.80 1.39 -1.44
C ILE A 205 -23.33 2.82 -1.21
N PRO A 206 -22.92 3.54 -2.25
CA PRO A 206 -22.44 4.91 -2.06
C PRO A 206 -23.52 5.85 -1.54
N SER A 207 -23.69 5.87 -0.23
CA SER A 207 -24.62 6.78 0.43
C SER A 207 -23.92 8.11 0.75
N TRP A 208 -24.71 9.12 1.08
CA TRP A 208 -24.21 10.43 1.42
C TRP A 208 -24.02 10.64 2.91
N ALA A 209 -24.28 9.62 3.73
CA ALA A 209 -24.00 9.73 5.16
C ALA A 209 -22.51 9.65 5.45
N SER A 210 -21.72 9.08 4.54
CA SER A 210 -20.28 9.00 4.70
C SER A 210 -19.57 10.31 4.39
N VAL A 211 -20.23 11.22 3.66
CA VAL A 211 -19.64 12.50 3.33
C VAL A 211 -20.00 13.59 4.35
N GLN A 212 -20.78 13.26 5.37
CA GLN A 212 -21.21 14.23 6.38
C GLN A 212 -20.16 14.33 7.49
N THR A 213 -20.39 15.27 8.42
CA THR A 213 -19.43 15.58 9.48
C THR A 213 -20.10 15.62 10.84
N SER A 214 -21.19 14.88 11.03
CA SER A 214 -22.01 15.09 12.23
C SER A 214 -21.82 14.04 13.32
N PRO A 215 -21.76 12.72 13.02
CA PRO A 215 -21.59 11.73 14.09
C PRO A 215 -20.42 12.04 15.02
N LYS A 216 -19.21 12.16 14.47
CA LYS A 216 -18.02 12.49 15.25
C LYS A 216 -17.84 11.50 16.41
N ILE A 217 -17.63 10.24 16.06
CA ILE A 217 -17.43 9.17 17.03
C ILE A 217 -15.94 8.87 17.14
N GLY A 218 -15.43 8.87 18.37
CA GLY A 218 -14.01 8.71 18.58
C GLY A 218 -13.18 9.81 17.96
N GLY A 219 -13.69 11.04 17.98
CA GLY A 219 -12.98 12.16 17.36
C GLY A 219 -12.84 12.02 15.86
N GLN A 220 -13.78 11.36 15.20
CA GLN A 220 -13.69 11.11 13.77
C GLN A 220 -15.08 11.25 13.16
N THR A 221 -15.20 12.17 12.20
CA THR A 221 -16.43 12.36 11.45
C THR A 221 -16.43 11.50 10.19
N PRO A 222 -17.60 11.22 9.62
CA PRO A 222 -17.63 10.40 8.39
C PRO A 222 -16.79 11.00 7.27
N LEU A 223 -16.85 12.32 7.09
CA LEU A 223 -16.07 12.95 6.03
C LEU A 223 -14.57 12.83 6.27
N SER A 224 -14.16 12.83 7.54
CA SER A 224 -12.73 12.70 7.84
C SER A 224 -12.24 11.30 7.52
N ALA A 225 -12.92 10.27 8.02
CA ALA A 225 -12.52 8.91 7.73
C ALA A 225 -12.60 8.60 6.24
N SER A 226 -13.68 9.03 5.59
CA SER A 226 -13.84 8.80 4.16
C SER A 226 -12.72 9.48 3.38
N LEU A 227 -12.47 10.76 3.66
CA LEU A 227 -11.42 11.48 2.96
C LEU A 227 -10.04 10.92 3.26
N GLY A 228 -9.86 10.27 4.41
CA GLY A 228 -8.60 9.58 4.67
C GLY A 228 -8.46 8.32 3.83
N ILE A 229 -9.53 7.53 3.74
CA ILE A 229 -9.51 6.33 2.91
C ILE A 229 -9.26 6.71 1.45
N ILE A 230 -9.91 7.77 0.97
CA ILE A 230 -9.69 8.22 -0.39
C ILE A 230 -8.28 8.76 -0.57
N GLY A 231 -7.79 9.51 0.41
CA GLY A 231 -6.45 10.08 0.31
C GLY A 231 -5.37 9.01 0.23
N ALA A 232 -5.52 7.93 1.01
CA ALA A 232 -4.57 6.82 0.98
C ALA A 232 -4.95 5.79 -0.07
N THR A 233 -5.36 6.23 -1.26
CA THR A 233 -5.87 5.30 -2.26
C THR A 233 -4.74 4.46 -2.85
N ILE A 234 -3.70 5.09 -3.36
CA ILE A 234 -2.63 4.39 -4.05
C ILE A 234 -1.33 4.51 -3.26
N MET A 235 -0.42 3.59 -3.53
CA MET A 235 0.94 3.65 -3.03
C MET A 235 1.87 3.96 -4.19
N PRO A 236 2.69 5.01 -4.11
CA PRO A 236 3.49 5.40 -5.29
C PRO A 236 4.44 4.33 -5.78
N HIS A 237 5.04 3.56 -4.87
CA HIS A 237 6.01 2.56 -5.28
C HIS A 237 5.36 1.42 -6.07
N ASN A 238 4.11 1.07 -5.74
CA ASN A 238 3.44 0.00 -6.46
C ASN A 238 3.09 0.40 -7.90
N LEU A 239 3.12 1.69 -8.23
CA LEU A 239 2.93 2.09 -9.61
C LEU A 239 4.13 1.73 -10.47
N PHE A 240 5.32 2.17 -10.05
CA PHE A 240 6.55 1.72 -10.72
C PHE A 240 6.66 0.21 -10.70
N LEU A 241 6.27 -0.42 -9.58
CA LEU A 241 6.24 -1.87 -9.51
C LEU A 241 5.40 -2.47 -10.62
N HIS A 242 4.15 -2.02 -10.74
CA HIS A 242 3.25 -2.59 -11.74
C HIS A 242 3.78 -2.35 -13.16
N SER A 243 4.32 -1.15 -13.40
CA SER A 243 4.83 -0.84 -14.73
C SER A 243 6.06 -1.67 -15.08
N ALA A 244 6.80 -2.14 -14.07
CA ALA A 244 7.96 -2.99 -14.34
C ALA A 244 7.56 -4.45 -14.49
N ILE A 245 6.71 -4.96 -13.59
CA ILE A 245 6.35 -6.37 -13.62
C ILE A 245 5.45 -6.68 -14.81
N SER A 246 4.68 -5.70 -15.28
CA SER A 246 3.84 -5.92 -16.45
C SER A 246 4.65 -6.25 -17.69
N GLN A 247 5.93 -5.85 -17.73
CA GLN A 247 6.81 -6.16 -18.85
C GLN A 247 7.35 -7.59 -18.80
N SER A 248 7.22 -8.28 -17.67
CA SER A 248 7.76 -9.62 -17.54
C SER A 248 7.15 -10.61 -18.53
N ARG A 249 6.07 -10.23 -19.19
CA ARG A 249 5.45 -11.05 -20.23
C ARG A 249 5.87 -10.53 -21.60
N LYS A 250 6.44 -11.41 -22.42
CA LYS A 250 6.97 -11.02 -23.72
C LYS A 250 5.83 -10.64 -24.66
N ILE A 251 5.99 -9.49 -25.33
CA ILE A 251 5.00 -8.98 -26.27
C ILE A 251 5.72 -8.51 -27.52
N ASP A 252 5.18 -8.87 -28.69
CA ASP A 252 5.83 -8.53 -29.95
C ASP A 252 5.79 -7.03 -30.25
N ARG A 253 4.84 -6.30 -29.65
CA ARG A 253 4.67 -4.87 -29.87
C ARG A 253 4.42 -4.53 -31.34
N THR A 254 4.03 -5.51 -32.16
CA THR A 254 3.76 -5.28 -33.57
C THR A 254 2.35 -5.63 -34.00
N ASP A 255 1.64 -6.45 -33.23
CA ASP A 255 0.27 -6.85 -33.53
C ASP A 255 -0.65 -6.14 -32.56
N SER A 256 -1.52 -5.27 -33.10
CA SER A 256 -2.38 -4.47 -32.24
C SER A 256 -3.37 -5.34 -31.47
N SER A 257 -3.88 -6.40 -32.10
CA SER A 257 -4.75 -7.32 -31.38
C SER A 257 -4.01 -8.04 -30.27
N LYS A 258 -2.70 -8.26 -30.44
CA LYS A 258 -1.94 -8.96 -29.42
C LYS A 258 -1.61 -8.04 -28.25
N VAL A 259 -1.39 -6.76 -28.52
CA VAL A 259 -1.11 -5.87 -27.40
C VAL A 259 -2.40 -5.39 -26.75
N ALA A 260 -3.47 -5.24 -27.53
CA ALA A 260 -4.77 -5.00 -26.92
C ALA A 260 -5.18 -6.16 -26.04
N GLU A 261 -4.97 -7.38 -26.52
CA GLU A 261 -5.20 -8.55 -25.68
C GLU A 261 -4.31 -8.48 -24.45
N ALA A 262 -3.02 -8.17 -24.64
CA ALA A 262 -2.11 -8.06 -23.50
C ALA A 262 -2.62 -7.07 -22.45
N VAL A 263 -3.25 -5.98 -22.89
CA VAL A 263 -3.80 -5.01 -21.95
C VAL A 263 -5.02 -5.56 -21.24
N ARG A 264 -5.91 -6.23 -21.97
CA ARG A 264 -7.03 -6.93 -21.32
C ARG A 264 -6.51 -7.92 -20.27
N PHE A 265 -5.52 -8.72 -20.66
CA PHE A 265 -4.81 -9.66 -19.82
C PHE A 265 -4.44 -9.04 -18.47
N SER A 266 -3.52 -8.07 -18.50
CA SER A 266 -3.01 -7.50 -17.25
C SER A 266 -4.12 -6.76 -16.48
N ASN A 267 -5.11 -6.22 -17.18
CA ASN A 267 -6.20 -5.55 -16.49
C ASN A 267 -7.01 -6.53 -15.66
N TRP A 268 -7.48 -7.61 -16.29
CA TRP A 268 -8.28 -8.60 -15.56
C TRP A 268 -7.48 -9.21 -14.42
N ASP A 269 -6.18 -9.46 -14.64
CA ASP A 269 -5.31 -9.89 -13.55
C ASP A 269 -5.36 -8.92 -12.39
N SER A 270 -5.01 -7.66 -12.67
CA SER A 270 -4.87 -6.67 -11.61
C SER A 270 -6.16 -6.49 -10.84
N ASN A 271 -7.29 -6.35 -11.55
CA ASN A 271 -8.57 -6.20 -10.89
C ASN A 271 -8.93 -7.45 -10.08
N ILE A 272 -8.55 -8.63 -10.57
CA ILE A 272 -8.80 -9.85 -9.83
C ILE A 272 -8.04 -9.84 -8.50
N GLN A 273 -6.88 -9.18 -8.44
CA GLN A 273 -6.12 -9.17 -7.20
C GLN A 273 -6.47 -8.00 -6.29
N LEU A 274 -6.46 -6.78 -6.82
CA LEU A 274 -6.85 -5.61 -6.05
C LEU A 274 -8.28 -5.74 -5.52
N SER A 275 -9.13 -6.51 -6.21
CA SER A 275 -10.44 -6.83 -5.65
C SER A 275 -10.30 -7.67 -4.39
N LEU A 276 -9.35 -8.60 -4.38
CA LEU A 276 -9.07 -9.36 -3.16
C LEU A 276 -8.58 -8.44 -2.04
N ALA A 277 -7.72 -7.47 -2.37
CA ALA A 277 -7.29 -6.52 -1.36
C ALA A 277 -8.48 -5.72 -0.81
N MET A 278 -9.37 -5.26 -1.69
CA MET A 278 -10.59 -4.59 -1.26
C MET A 278 -11.40 -5.49 -0.33
N VAL A 279 -11.47 -6.79 -0.63
CA VAL A 279 -12.18 -7.72 0.23
C VAL A 279 -11.51 -7.82 1.59
N VAL A 280 -10.16 -7.73 1.63
CA VAL A 280 -9.47 -7.75 2.91
C VAL A 280 -9.81 -6.51 3.73
N ASN A 281 -9.82 -5.33 3.09
CA ASN A 281 -10.21 -4.12 3.80
C ASN A 281 -11.64 -4.23 4.33
N ALA A 282 -12.56 -4.77 3.52
CA ALA A 282 -13.93 -4.98 3.98
C ALA A 282 -13.96 -5.92 5.19
N LEU A 283 -13.18 -7.00 5.16
CA LEU A 283 -13.12 -7.91 6.29
C LEU A 283 -12.54 -7.24 7.53
N LEU A 284 -11.70 -6.23 7.35
CA LEU A 284 -11.21 -5.48 8.51
C LEU A 284 -12.26 -4.55 9.07
N LEU A 285 -13.02 -3.88 8.21
CA LEU A 285 -14.08 -3.00 8.70
C LEU A 285 -15.17 -3.80 9.41
N ILE A 286 -15.73 -4.82 8.74
CA ILE A 286 -16.72 -5.66 9.37
C ILE A 286 -16.11 -6.46 10.52
N MET A 287 -14.79 -6.63 10.53
CA MET A 287 -14.12 -7.15 11.72
C MET A 287 -14.26 -6.17 12.88
N GLY A 288 -14.17 -4.87 12.59
CA GLY A 288 -14.38 -3.88 13.63
C GLY A 288 -15.83 -3.67 14.00
N VAL A 289 -16.76 -4.11 13.16
CA VAL A 289 -18.19 -3.93 13.45
C VAL A 289 -18.76 -5.13 14.19
N ALA A 290 -18.56 -6.33 13.66
CA ALA A 290 -19.24 -7.52 14.17
C ALA A 290 -18.44 -8.25 15.26
N VAL A 291 -17.14 -8.44 15.02
CA VAL A 291 -16.33 -9.22 15.98
C VAL A 291 -16.17 -8.44 17.28
N PHE A 292 -15.57 -7.26 17.22
CA PHE A 292 -15.37 -6.45 18.41
C PHE A 292 -16.67 -5.80 18.86
N LYS A 293 -16.79 -5.59 20.16
CA LYS A 293 -17.89 -4.82 20.70
C LYS A 293 -17.74 -3.35 20.32
N SER A 294 -18.81 -2.59 20.53
CA SER A 294 -18.80 -1.17 20.21
C SER A 294 -17.85 -0.43 21.12
N GLY A 295 -16.77 0.12 20.56
CA GLY A 295 -15.79 0.86 21.32
C GLY A 295 -14.83 0.02 22.14
N ALA A 296 -14.77 -1.29 21.89
CA ALA A 296 -13.86 -2.13 22.68
C ALA A 296 -12.40 -1.88 22.33
N VAL A 297 -12.12 -1.46 21.10
CA VAL A 297 -10.75 -1.20 20.67
C VAL A 297 -10.35 0.17 21.17
N GLN A 298 -9.61 0.20 22.27
CA GLN A 298 -9.04 1.45 22.78
C GLN A 298 -7.60 1.65 22.37
N ASP A 299 -6.88 0.58 22.07
CA ASP A 299 -5.49 0.66 21.63
C ASP A 299 -5.41 0.20 20.18
N PRO A 300 -5.25 1.10 19.21
CA PRO A 300 -5.11 0.68 17.81
C PRO A 300 -3.84 -0.10 17.52
N SER A 301 -2.96 -0.27 18.52
CA SER A 301 -1.72 -1.02 18.32
C SER A 301 -2.02 -2.47 17.96
N PHE A 302 -1.03 -3.12 17.36
CA PHE A 302 -1.16 -4.54 17.07
C PHE A 302 -1.29 -5.37 18.34
N PHE A 303 -0.62 -4.94 19.41
CA PHE A 303 -0.78 -5.61 20.69
C PHE A 303 -2.16 -5.35 21.28
N GLY A 304 -2.66 -4.12 21.14
CA GLY A 304 -4.01 -3.82 21.61
C GLY A 304 -5.06 -4.64 20.90
N LEU A 305 -4.86 -4.88 19.60
CA LEU A 305 -5.78 -5.74 18.86
C LEU A 305 -5.56 -7.21 19.21
N TYR A 306 -4.35 -7.57 19.66
CA TYR A 306 -4.09 -8.94 20.09
C TYR A 306 -4.82 -9.24 21.39
N GLN A 307 -4.63 -8.41 22.42
CA GLN A 307 -5.33 -8.61 23.68
C GLN A 307 -6.83 -8.39 23.53
N ALA A 308 -7.22 -7.44 22.68
CA ALA A 308 -8.65 -7.23 22.42
C ALA A 308 -9.27 -8.44 21.72
N LEU A 309 -8.52 -9.10 20.85
CA LEU A 309 -8.96 -10.34 20.24
C LEU A 309 -8.81 -11.54 21.15
N SER A 310 -8.11 -11.40 22.28
CA SER A 310 -7.92 -12.48 23.24
C SER A 310 -8.70 -12.27 24.53
N ASN A 311 -9.54 -11.24 24.60
CA ASN A 311 -10.38 -10.99 25.76
C ASN A 311 -11.83 -11.33 25.43
N PRO A 312 -12.45 -12.26 26.15
CA PRO A 312 -13.82 -12.66 25.77
C PRO A 312 -14.86 -11.56 25.94
N ASP A 313 -14.63 -10.60 26.84
CA ASP A 313 -15.60 -9.53 27.04
C ASP A 313 -15.58 -8.50 25.91
N MET A 314 -14.58 -8.54 25.03
CA MET A 314 -14.50 -7.61 23.91
C MET A 314 -15.28 -8.06 22.69
N VAL A 315 -15.57 -9.36 22.57
CA VAL A 315 -16.30 -9.87 21.41
C VAL A 315 -17.79 -9.78 21.67
N SER A 316 -18.59 -10.01 20.62
CA SER A 316 -20.04 -9.85 20.70
C SER A 316 -20.77 -11.15 20.37
N ASN A 317 -20.17 -12.30 20.69
CA ASN A 317 -20.81 -13.58 20.39
C ASN A 317 -20.26 -14.63 21.33
N PRO A 318 -21.09 -15.55 21.83
CA PRO A 318 -20.57 -16.58 22.76
C PRO A 318 -19.53 -17.49 22.15
N VAL A 319 -19.60 -17.75 20.85
CA VAL A 319 -18.60 -18.59 20.19
C VAL A 319 -17.26 -17.85 20.15
N LEU A 320 -17.29 -16.57 19.80
CA LEU A 320 -16.06 -15.77 19.76
C LEU A 320 -15.48 -15.59 21.16
N ALA A 321 -16.31 -15.69 22.20
CA ALA A 321 -15.80 -15.60 23.57
C ALA A 321 -15.06 -16.86 23.96
N GLU A 322 -15.58 -18.03 23.59
CA GLU A 322 -14.89 -19.29 23.90
C GLU A 322 -13.63 -19.44 23.08
N ALA A 323 -13.70 -19.12 21.78
CA ALA A 323 -12.51 -19.19 20.94
C ALA A 323 -11.47 -18.18 21.38
N ALA A 324 -11.90 -16.98 21.75
CA ALA A 324 -10.98 -15.96 22.22
C ALA A 324 -10.33 -16.36 23.54
N ARG A 325 -11.10 -16.99 24.43
CA ARG A 325 -10.53 -17.49 25.68
C ARG A 325 -9.52 -18.61 25.42
N SER A 326 -9.81 -19.46 24.43
CA SER A 326 -8.85 -20.49 24.06
C SER A 326 -7.57 -19.89 23.50
N GLY A 327 -7.70 -18.80 22.75
CA GLY A 327 -6.53 -18.09 22.24
C GLY A 327 -6.18 -18.49 20.82
N VAL A 328 -7.12 -18.30 19.90
CA VAL A 328 -6.90 -18.63 18.49
C VAL A 328 -7.11 -17.39 17.64
N LEU A 329 -8.01 -16.49 18.09
CA LEU A 329 -8.28 -15.28 17.34
C LEU A 329 -7.06 -14.36 17.29
N SER A 330 -6.32 -14.26 18.40
CA SER A 330 -5.16 -13.38 18.44
C SER A 330 -3.97 -13.97 17.71
N THR A 331 -3.75 -15.29 17.85
CA THR A 331 -2.64 -15.93 17.16
C THR A 331 -2.79 -15.84 15.65
N LEU A 332 -4.01 -16.07 15.14
CA LEU A 332 -4.26 -15.88 13.72
C LEU A 332 -3.97 -14.45 13.29
N PHE A 333 -4.31 -13.49 14.16
CA PHE A 333 -4.02 -12.09 13.86
C PHE A 333 -2.52 -11.87 13.71
N ALA A 334 -1.73 -12.42 14.63
CA ALA A 334 -0.28 -12.28 14.54
C ALA A 334 0.28 -12.99 13.31
N VAL A 335 -0.30 -14.13 12.93
CA VAL A 335 0.11 -14.80 11.70
C VAL A 335 -0.14 -13.90 10.50
N ALA A 336 -1.32 -13.26 10.46
CA ALA A 336 -1.60 -12.30 9.40
C ALA A 336 -0.60 -11.14 9.42
N LEU A 337 -0.17 -10.74 10.62
CA LEU A 337 0.88 -9.71 10.71
C LEU A 337 2.16 -10.18 10.05
N LEU A 338 2.56 -11.44 10.29
CA LEU A 338 3.75 -11.96 9.64
C LEU A 338 3.60 -11.97 8.13
N ALA A 339 2.53 -12.61 7.64
CA ALA A 339 2.32 -12.72 6.20
C ALA A 339 2.27 -11.36 5.52
N SER A 340 1.75 -10.35 6.21
CA SER A 340 1.77 -9.00 5.64
C SER A 340 3.18 -8.41 5.68
N GLY A 341 3.91 -8.65 6.77
CA GLY A 341 5.28 -8.17 6.90
C GLY A 341 6.26 -8.80 5.93
N GLN A 342 5.90 -9.91 5.30
CA GLN A 342 6.79 -10.53 4.32
C GLN A 342 6.81 -9.80 2.97
N ASN A 343 5.88 -8.88 2.73
CA ASN A 343 5.69 -8.36 1.38
C ASN A 343 6.79 -7.38 0.98
N SER A 344 7.19 -6.49 1.89
CA SER A 344 8.18 -5.47 1.57
C SER A 344 9.52 -6.07 1.19
N THR A 345 9.80 -7.31 1.62
CA THR A 345 11.04 -7.97 1.23
C THR A 345 11.08 -8.23 -0.27
N ILE A 346 9.94 -8.58 -0.86
CA ILE A 346 9.88 -8.81 -2.31
C ILE A 346 9.66 -7.49 -3.05
N THR A 347 8.51 -6.86 -2.82
CA THR A 347 8.16 -5.68 -3.63
C THR A 347 9.07 -4.50 -3.32
N GLY A 348 9.58 -4.40 -2.09
CA GLY A 348 10.51 -3.33 -1.78
C GLY A 348 11.81 -3.45 -2.54
N THR A 349 12.33 -4.66 -2.68
CA THR A 349 13.56 -4.86 -3.44
C THR A 349 13.33 -4.67 -4.93
N ILE A 350 12.23 -5.23 -5.46
CA ILE A 350 11.93 -5.09 -6.88
C ILE A 350 11.77 -3.61 -7.23
N THR A 351 10.84 -2.93 -6.55
CA THR A 351 10.59 -1.53 -6.85
C THR A 351 11.83 -0.67 -6.59
N GLY A 352 12.55 -0.95 -5.50
CA GLY A 352 13.78 -0.21 -5.24
C GLY A 352 14.77 -0.33 -6.38
N GLN A 353 14.92 -1.53 -6.94
CA GLN A 353 15.73 -1.69 -8.13
C GLN A 353 15.18 -0.85 -9.28
N VAL A 354 13.87 -0.85 -9.46
CA VAL A 354 13.25 -0.10 -10.56
C VAL A 354 13.61 1.38 -10.46
N ILE A 355 13.33 1.99 -9.31
CA ILE A 355 13.56 3.43 -9.18
C ILE A 355 15.06 3.74 -9.15
N MET A 356 15.88 2.80 -8.70
CA MET A 356 17.32 3.03 -8.68
C MET A 356 17.89 3.05 -10.08
N GLU A 357 17.87 1.90 -10.76
CA GLU A 357 18.42 1.81 -12.11
C GLU A 357 17.58 2.55 -13.15
N GLY A 358 16.43 3.10 -12.76
CA GLY A 358 15.63 3.87 -13.68
C GLY A 358 15.79 5.36 -13.50
N PHE A 359 15.90 5.81 -12.25
CA PHE A 359 16.01 7.23 -11.95
C PHE A 359 17.45 7.73 -11.92
N ILE A 360 18.38 6.95 -11.36
CA ILE A 360 19.77 7.40 -11.24
C ILE A 360 20.74 6.47 -11.94
N HIS A 361 20.26 5.42 -12.60
CA HIS A 361 21.10 4.48 -13.34
C HIS A 361 22.18 3.88 -12.44
N LEU A 362 21.72 3.24 -11.36
CA LEU A 362 22.60 2.61 -10.38
C LEU A 362 22.24 1.13 -10.31
N ARG A 363 23.14 0.28 -10.80
CA ARG A 363 22.92 -1.17 -10.79
C ARG A 363 23.48 -1.74 -9.49
N LEU A 364 22.58 -2.14 -8.59
CA LEU A 364 22.94 -2.72 -7.31
C LEU A 364 22.30 -4.09 -7.16
N PRO A 365 22.95 -5.02 -6.47
CA PRO A 365 22.38 -6.36 -6.30
C PRO A 365 21.29 -6.38 -5.25
N LEU A 366 20.53 -7.48 -5.25
CA LEU A 366 19.52 -7.68 -4.21
C LEU A 366 20.13 -7.90 -2.84
N TRP A 367 21.45 -8.14 -2.78
CA TRP A 367 22.12 -8.30 -1.50
C TRP A 367 22.17 -6.98 -0.73
N LEU A 368 22.83 -5.97 -1.31
CA LEU A 368 23.00 -4.69 -0.62
C LEU A 368 21.72 -3.87 -0.60
N ARG A 369 20.76 -4.18 -1.48
CA ARG A 369 19.51 -3.43 -1.51
C ARG A 369 18.72 -3.62 -0.22
N ARG A 370 18.30 -4.86 0.03
CA ARG A 370 17.53 -5.17 1.23
C ARG A 370 18.29 -4.84 2.51
N LEU A 371 19.62 -4.92 2.46
CA LEU A 371 20.42 -4.55 3.63
C LEU A 371 20.26 -3.08 3.96
N VAL A 372 20.52 -2.21 2.99
CA VAL A 372 20.44 -0.76 3.24
C VAL A 372 19.01 -0.36 3.60
N THR A 373 18.03 -0.81 2.82
CA THR A 373 16.65 -0.44 3.09
C THR A 373 16.19 -0.93 4.46
N ARG A 374 16.54 -2.16 4.81
CA ARG A 374 16.11 -2.72 6.10
C ARG A 374 16.80 -2.04 7.26
N LEU A 375 18.08 -1.69 7.11
CA LEU A 375 18.79 -0.98 8.18
C LEU A 375 18.22 0.40 8.40
N ILE A 376 18.11 1.20 7.33
CA ILE A 376 17.53 2.54 7.44
C ILE A 376 16.11 2.45 7.98
N ALA A 377 15.40 1.35 7.71
CA ALA A 377 14.05 1.19 8.23
C ALA A 377 14.05 0.88 9.72
N ILE A 378 14.98 0.03 10.18
CA ILE A 378 14.98 -0.39 11.58
C ILE A 378 15.69 0.58 12.52
N ILE A 379 16.43 1.55 12.00
CA ILE A 379 17.10 2.52 12.87
C ILE A 379 16.08 3.28 13.71
N PRO A 380 15.05 3.92 13.14
CA PRO A 380 14.08 4.61 13.99
C PRO A 380 13.28 3.64 14.84
N VAL A 381 13.12 2.40 14.41
CA VAL A 381 12.40 1.41 15.20
C VAL A 381 13.16 1.08 16.48
N VAL A 382 14.47 0.83 16.35
CA VAL A 382 15.26 0.51 17.54
C VAL A 382 15.49 1.75 18.39
N VAL A 383 15.44 2.94 17.80
CA VAL A 383 15.48 4.17 18.60
C VAL A 383 14.21 4.28 19.43
N CYS A 384 13.05 4.05 18.82
CA CYS A 384 11.78 4.13 19.53
C CYS A 384 11.71 3.08 20.65
N VAL A 385 12.05 1.83 20.32
CA VAL A 385 12.06 0.78 21.34
C VAL A 385 13.07 1.10 22.44
N ALA A 386 14.18 1.75 22.08
CA ALA A 386 15.17 2.13 23.07
C ALA A 386 14.61 3.16 24.04
N ILE A 387 13.90 4.18 23.53
CA ILE A 387 13.37 5.22 24.39
C ILE A 387 12.23 4.69 25.25
N THR A 388 11.31 3.95 24.63
CA THR A 388 10.15 3.45 25.37
C THR A 388 10.56 2.40 26.41
N SER A 389 11.46 1.48 26.04
CA SER A 389 11.99 0.54 27.02
C SER A 389 12.81 1.26 28.09
N HIS A 390 13.40 2.41 27.73
CA HIS A 390 14.08 3.22 28.74
C HIS A 390 13.09 3.87 29.69
N GLN A 391 11.86 4.09 29.25
CA GLN A 391 10.78 4.57 30.11
C GLN A 391 10.07 3.42 30.83
N GLY A 392 10.61 2.20 30.76
CA GLY A 392 10.01 1.07 31.43
C GLY A 392 9.12 0.22 30.58
N SER A 393 9.37 0.14 29.27
CA SER A 393 8.50 -0.56 28.34
C SER A 393 7.06 -0.05 28.45
N LEU A 394 6.91 1.20 28.85
CA LEU A 394 5.60 1.81 29.03
C LEU A 394 5.22 2.56 27.76
N ASP A 395 4.02 2.26 27.24
CA ASP A 395 3.55 2.82 25.98
C ASP A 395 4.49 2.50 24.81
N GLU A 396 5.15 1.34 24.88
CA GLU A 396 6.11 1.00 23.84
C GLU A 396 5.43 0.58 22.55
N HIS A 397 4.29 -0.11 22.64
CA HIS A 397 3.56 -0.50 21.44
C HIS A 397 2.82 0.68 20.83
N GLN A 398 2.27 1.56 21.68
CA GLN A 398 1.62 2.76 21.19
C GLN A 398 2.60 3.66 20.44
N ALA A 399 3.83 3.78 20.95
CA ALA A 399 4.84 4.59 20.26
C ALA A 399 5.28 3.94 18.96
N LEU A 400 5.31 2.60 18.90
CA LEU A 400 5.59 1.93 17.64
C LEU A 400 4.47 2.19 16.64
N ASN A 401 3.23 2.25 17.11
CA ASN A 401 2.11 2.57 16.22
C ASN A 401 2.20 4.00 15.72
N ASN A 402 2.57 4.94 16.60
CA ASN A 402 2.73 6.32 16.17
C ASN A 402 3.91 6.51 15.23
N LEU A 403 4.97 5.70 15.40
CA LEU A 403 6.06 5.71 14.43
C LEU A 403 5.58 5.18 13.08
N MET A 404 4.82 4.09 13.11
CA MET A 404 4.30 3.51 11.86
C MET A 404 3.40 4.49 11.13
N ASN A 405 2.58 5.24 11.87
CA ASN A 405 1.66 6.18 11.24
C ASN A 405 2.37 7.45 10.79
N ASN A 406 3.36 7.92 11.57
CA ASN A 406 4.13 9.09 11.17
C ASN A 406 5.03 8.79 9.97
N SER A 407 5.40 7.54 9.75
CA SER A 407 6.24 7.20 8.61
C SER A 407 5.51 7.44 7.29
N GLN A 408 4.18 7.30 7.27
CA GLN A 408 3.42 7.34 6.03
C GLN A 408 3.38 8.73 5.38
N VAL A 409 4.10 9.72 5.91
CA VAL A 409 4.09 11.04 5.28
C VAL A 409 4.89 11.04 3.99
N PHE A 410 5.91 10.18 3.89
CA PHE A 410 6.73 10.13 2.69
C PHE A 410 5.92 9.68 1.48
N LEU A 411 4.89 8.86 1.70
CA LEU A 411 3.98 8.50 0.62
C LEU A 411 3.26 9.72 0.08
N ALA A 412 2.75 10.57 0.98
CA ALA A 412 2.12 11.81 0.54
C ALA A 412 3.12 12.75 -0.12
N LEU A 413 4.39 12.67 0.29
CA LEU A 413 5.42 13.49 -0.36
C LEU A 413 5.72 13.00 -1.77
N ALA A 414 5.64 11.70 -2.01
CA ALA A 414 6.05 11.11 -3.29
C ALA A 414 4.88 10.74 -4.19
N LEU A 415 3.65 11.04 -3.78
CA LEU A 415 2.46 10.62 -4.54
C LEU A 415 2.23 11.46 -5.79
N PRO A 416 2.22 12.80 -5.72
CA PRO A 416 1.92 13.58 -6.95
C PRO A 416 2.94 13.35 -8.04
N PHE A 417 4.22 13.28 -7.68
CA PHE A 417 5.29 13.05 -8.65
C PHE A 417 5.28 11.64 -9.20
N SER A 418 4.33 10.81 -8.79
CA SER A 418 4.14 9.49 -9.36
C SER A 418 2.82 9.33 -10.11
N ILE A 419 1.77 10.02 -9.69
CA ILE A 419 0.49 9.90 -10.39
C ILE A 419 0.35 10.92 -11.52
N VAL A 420 0.87 12.14 -11.33
CA VAL A 420 0.76 13.17 -12.35
C VAL A 420 1.59 12.78 -13.58
N PRO A 421 2.88 12.42 -13.45
CA PRO A 421 3.63 12.01 -14.64
C PRO A 421 3.06 10.77 -15.31
N LEU A 422 2.52 9.83 -14.53
CA LEU A 422 1.87 8.67 -15.13
C LEU A 422 0.72 9.11 -16.03
N LEU A 423 -0.20 9.91 -15.49
CA LEU A 423 -1.37 10.34 -16.24
C LEU A 423 -0.98 11.15 -17.49
N MET A 424 0.03 12.02 -17.35
CA MET A 424 0.47 12.80 -18.51
C MET A 424 1.08 11.91 -19.58
N LEU A 425 2.04 11.08 -19.19
CA LEU A 425 2.76 10.26 -20.17
C LEU A 425 1.84 9.26 -20.85
N THR A 426 0.84 8.75 -20.13
CA THR A 426 -0.10 7.83 -20.76
C THR A 426 -1.20 8.56 -21.54
N ASP A 427 -1.46 9.82 -21.23
CA ASP A 427 -2.45 10.59 -22.00
C ASP A 427 -1.86 11.19 -23.26
N SER A 428 -0.54 11.33 -23.34
CA SER A 428 0.09 11.87 -24.54
C SER A 428 0.22 10.80 -25.61
N ALA A 429 0.07 11.22 -26.87
CA ALA A 429 0.31 10.32 -27.99
C ALA A 429 1.80 10.15 -28.28
N ALA A 430 2.64 11.03 -27.75
CA ALA A 430 4.08 10.92 -27.95
C ALA A 430 4.71 9.79 -27.15
N GLN A 431 3.94 9.12 -26.30
CA GLN A 431 4.41 7.98 -25.51
C GLN A 431 3.60 6.72 -25.76
N MET A 432 2.29 6.84 -25.96
CA MET A 432 1.43 5.69 -26.20
C MET A 432 0.97 5.55 -27.65
N GLY A 433 0.92 6.66 -28.39
CA GLY A 433 0.39 6.64 -29.74
C GLY A 433 -1.10 6.91 -29.78
N ASN A 434 -1.55 7.37 -30.95
CA ASN A 434 -2.97 7.66 -31.13
C ASN A 434 -3.85 6.42 -31.04
N GLN A 435 -3.27 5.23 -31.01
CA GLN A 435 -4.03 3.98 -30.97
C GLN A 435 -4.22 3.46 -29.56
N PHE A 436 -3.23 3.63 -28.68
CA PHE A 436 -3.26 3.06 -27.35
C PHE A 436 -3.25 4.09 -26.23
N LYS A 437 -3.42 5.37 -26.54
CA LYS A 437 -3.54 6.36 -25.49
C LYS A 437 -4.88 6.18 -24.77
N ASN A 438 -5.10 7.00 -23.76
CA ASN A 438 -6.26 6.80 -22.90
C ASN A 438 -7.53 7.30 -23.58
N THR A 439 -8.62 6.58 -23.34
CA THR A 439 -9.95 7.01 -23.79
C THR A 439 -10.31 8.34 -23.13
N ARG A 440 -11.24 9.06 -23.78
CA ARG A 440 -11.78 10.27 -23.16
C ARG A 440 -12.50 9.97 -21.86
N TRP A 441 -12.87 8.71 -21.63
CA TRP A 441 -13.51 8.33 -20.38
C TRP A 441 -12.51 8.32 -19.23
N VAL A 442 -11.36 7.68 -19.43
CA VAL A 442 -10.35 7.64 -18.39
C VAL A 442 -9.59 8.96 -18.27
N LYS A 443 -9.61 9.81 -19.29
CA LYS A 443 -9.03 11.13 -19.16
C LYS A 443 -9.73 11.95 -18.07
N VAL A 444 -11.06 11.88 -18.03
CA VAL A 444 -11.81 12.63 -17.03
C VAL A 444 -11.65 11.99 -15.66
N MET A 445 -11.90 10.68 -15.56
CA MET A 445 -11.76 10.00 -14.28
C MET A 445 -10.34 10.06 -13.76
N GLY A 446 -9.36 9.92 -14.66
CA GLY A 446 -7.97 9.96 -14.23
C GLY A 446 -7.57 11.31 -13.68
N TRP A 447 -7.91 12.39 -14.39
CA TRP A 447 -7.55 13.72 -13.93
C TRP A 447 -8.31 14.09 -12.67
N LEU A 448 -9.58 13.70 -12.58
CA LEU A 448 -10.34 13.92 -11.35
C LEU A 448 -9.68 13.23 -10.16
N THR A 449 -9.30 11.96 -10.34
CA THR A 449 -8.67 11.22 -9.26
C THR A 449 -7.32 11.83 -8.88
N VAL A 450 -6.52 12.22 -9.87
CA VAL A 450 -5.21 12.77 -9.58
C VAL A 450 -5.34 14.11 -8.85
N ILE A 451 -6.28 14.96 -9.27
CA ILE A 451 -6.50 16.24 -8.60
C ILE A 451 -6.94 16.02 -7.17
N ILE A 452 -7.91 15.11 -6.97
CA ILE A 452 -8.43 14.85 -5.63
C ILE A 452 -7.33 14.34 -4.71
N LEU A 453 -6.55 13.37 -5.20
CA LEU A 453 -5.50 12.78 -4.37
C LEU A 453 -4.40 13.78 -4.06
N THR A 454 -4.01 14.58 -5.06
CA THR A 454 -2.97 15.58 -4.82
C THR A 454 -3.42 16.61 -3.79
N LEU A 455 -4.64 17.12 -3.94
CA LEU A 455 -5.18 18.07 -2.97
C LEU A 455 -5.24 17.45 -1.58
N LEU A 456 -5.78 16.24 -1.48
CA LEU A 456 -5.95 15.60 -0.18
C LEU A 456 -4.62 15.34 0.50
N ASN A 457 -3.60 14.93 -0.26
CA ASN A 457 -2.31 14.65 0.34
C ASN A 457 -1.59 15.93 0.73
N LEU A 458 -1.70 16.97 -0.10
CA LEU A 458 -1.17 18.28 0.30
C LEU A 458 -1.84 18.77 1.57
N ILE A 459 -3.12 18.41 1.78
CA ILE A 459 -3.77 18.70 3.06
C ILE A 459 -3.18 17.82 4.16
N SER A 460 -2.85 16.57 3.84
CA SER A 460 -2.35 15.65 4.85
C SER A 460 -0.96 16.04 5.34
N ILE A 461 -0.19 16.77 4.52
CA ILE A 461 1.17 17.13 4.90
C ILE A 461 1.18 17.92 6.20
N SER A 462 0.33 18.94 6.30
CA SER A 462 0.30 19.76 7.51
C SER A 462 -0.14 18.94 8.71
N SER A 463 -1.15 18.08 8.53
CA SER A 463 -1.67 17.29 9.64
C SER A 463 -0.62 16.34 10.18
N GLN A 464 0.15 15.70 9.29
CA GLN A 464 1.15 14.75 9.76
C GLN A 464 2.37 15.46 10.33
N ILE A 465 2.79 16.58 9.73
CA ILE A 465 3.92 17.34 10.26
C ILE A 465 3.59 17.85 11.65
N ALA A 466 2.36 18.35 11.85
CA ALA A 466 1.93 18.72 13.18
C ALA A 466 1.82 17.50 14.09
N GLY A 467 1.48 16.33 13.52
CA GLY A 467 1.42 15.11 14.29
C GLY A 467 2.76 14.57 14.72
N PHE A 468 3.85 15.06 14.11
CA PHE A 468 5.18 14.67 14.54
C PHE A 468 5.45 15.13 15.97
N PHE A 469 4.86 16.24 16.38
CA PHE A 469 5.07 16.79 17.71
C PHE A 469 4.14 16.19 18.76
N GLY A 470 3.44 15.12 18.42
CA GLY A 470 2.61 14.41 19.38
C GLY A 470 1.32 15.15 19.71
N ASP A 471 0.53 14.51 20.57
CA ASP A 471 -0.73 15.08 21.03
C ASP A 471 -0.54 16.23 22.01
N ASN A 472 0.69 16.58 22.36
CA ASN A 472 0.99 17.70 23.24
C ASN A 472 1.26 18.94 22.40
N PRO A 473 0.28 19.84 22.23
CA PRO A 473 0.49 20.97 21.33
C PRO A 473 1.27 22.11 21.96
N SER A 474 2.59 22.08 21.81
CA SER A 474 3.41 23.20 22.24
C SER A 474 3.08 24.42 21.40
N SER A 475 2.72 25.53 22.06
CA SER A 475 2.27 26.71 21.34
C SER A 475 3.35 27.27 20.43
N GLN A 476 4.61 27.19 20.83
CA GLN A 476 5.69 27.68 19.98
C GLN A 476 6.04 26.70 18.88
N ASP A 477 5.88 25.40 19.13
CA ASP A 477 6.14 24.40 18.10
C ASP A 477 5.01 24.29 17.08
N LEU A 478 3.82 24.77 17.43
CA LEU A 478 2.70 24.75 16.49
C LEU A 478 2.95 25.69 15.31
N LEU A 479 3.36 26.93 15.61
CA LEU A 479 3.67 27.89 14.55
C LEU A 479 4.81 27.37 13.68
N LEU A 480 5.81 26.72 14.30
CA LEU A 480 6.89 26.13 13.53
C LEU A 480 6.38 25.02 12.62
N SER A 481 5.44 24.20 13.10
CA SER A 481 4.82 23.19 12.26
C SER A 481 4.06 23.84 11.10
N GLN A 482 3.45 25.01 11.33
CA GLN A 482 2.79 25.71 10.24
C GLN A 482 3.79 26.20 9.20
N VAL A 483 4.91 26.76 9.64
CA VAL A 483 5.93 27.24 8.71
C VAL A 483 6.50 26.08 7.89
N ILE A 484 6.85 24.98 8.57
CA ILE A 484 7.43 23.83 7.87
C ILE A 484 6.42 23.23 6.91
N SER A 485 5.16 23.15 7.33
CA SER A 485 4.11 22.60 6.45
C SER A 485 3.95 23.46 5.20
N ILE A 486 3.83 24.77 5.37
CA ILE A 486 3.69 25.67 4.23
C ILE A 486 4.89 25.53 3.30
N GLY A 487 6.10 25.46 3.87
CA GLY A 487 7.28 25.31 3.03
C GLY A 487 7.27 24.00 2.25
N ILE A 488 6.82 22.91 2.87
CA ILE A 488 6.84 21.62 2.21
C ILE A 488 5.80 21.58 1.09
N ILE A 489 4.58 22.04 1.36
CA ILE A 489 3.54 21.98 0.34
C ILE A 489 3.87 22.94 -0.81
N LEU A 490 4.47 24.09 -0.51
CA LEU A 490 4.87 25.00 -1.58
C LEU A 490 6.00 24.42 -2.41
N ALA A 491 6.98 23.77 -1.75
CA ALA A 491 8.04 23.09 -2.48
C ALA A 491 7.48 22.01 -3.39
N MET A 492 6.49 21.27 -2.92
CA MET A 492 5.84 20.27 -3.76
C MET A 492 5.06 20.91 -4.90
N ILE A 493 4.55 22.13 -4.70
CA ILE A 493 3.88 22.83 -5.79
C ILE A 493 4.90 23.23 -6.85
N GLY A 494 6.07 23.72 -6.44
CA GLY A 494 7.10 24.09 -7.40
C GLY A 494 7.61 22.89 -8.18
N LEU A 495 7.93 21.80 -7.45
CA LEU A 495 8.33 20.57 -8.13
C LEU A 495 7.24 20.07 -9.07
N LEU A 496 5.98 20.18 -8.66
CA LEU A 496 4.88 19.69 -9.49
C LEU A 496 4.76 20.49 -10.77
N ILE A 497 4.78 21.82 -10.67
CA ILE A 497 4.64 22.63 -11.88
C ILE A 497 5.87 22.50 -12.77
N TRP A 498 7.04 22.26 -12.18
CA TRP A 498 8.23 22.00 -12.99
C TRP A 498 8.08 20.71 -13.79
N THR A 499 7.69 19.63 -13.11
CA THR A 499 7.48 18.36 -13.80
C THR A 499 6.41 18.50 -14.88
N ILE A 500 5.31 19.16 -14.55
CA ILE A 500 4.26 19.44 -15.53
C ILE A 500 4.83 20.15 -16.75
N ILE A 501 5.71 21.12 -16.52
CA ILE A 501 6.28 21.89 -17.62
C ILE A 501 7.15 21.00 -18.51
N ASP A 502 7.99 20.16 -17.90
CA ASP A 502 8.86 19.30 -18.71
C ASP A 502 8.06 18.28 -19.50
N ILE A 503 7.12 17.60 -18.84
CA ILE A 503 6.34 16.57 -19.53
C ILE A 503 5.51 17.19 -20.65
N ARG A 504 4.88 18.33 -20.38
CA ARG A 504 4.12 19.01 -21.43
C ARG A 504 5.02 19.56 -22.52
N ARG A 505 6.30 19.81 -22.23
CA ARG A 505 7.24 20.12 -23.29
C ARG A 505 7.52 18.89 -24.15
N PHE A 506 7.51 17.69 -23.55
CA PHE A 506 7.61 16.48 -24.35
C PHE A 506 6.36 16.29 -25.20
N THR A 507 5.20 16.61 -24.66
CA THR A 507 3.95 16.53 -25.44
C THR A 507 3.41 17.94 -25.72
C1 DMU B . -8.86 17.50 -18.84
C2 DMU B . -7.61 17.61 -19.63
C3 DMU B . -6.86 18.85 -19.31
C4 DMU B . -6.60 19.00 -17.81
O5 DMU B . -7.87 18.93 -17.05
C6 DMU B . -8.64 17.70 -17.34
O7 DMU B . -5.60 18.96 -20.06
O16 DMU B . -9.87 17.74 -16.70
C18 DMU B . -10.08 18.84 -15.84
C19 DMU B . -11.10 18.44 -14.72
C22 DMU B . -11.40 19.66 -13.79
C25 DMU B . -11.78 19.15 -12.35
C28 DMU B . -12.14 20.38 -11.45
C31 DMU B . -11.64 20.13 -9.99
C34 DMU B . -11.42 21.50 -9.28
C37 DMU B . -10.54 21.29 -8.02
C40 DMU B . -10.08 22.67 -7.50
C43 DMU B . -9.11 22.47 -6.32
O49 DMU B . -9.43 16.19 -19.04
O55 DMU B . -7.94 17.58 -21.04
C57 DMU B . -5.93 20.30 -17.56
O61 DMU B . -6.73 21.34 -18.05
C5 DMU B . -3.44 18.01 -19.74
C7 DMU B . -2.53 17.15 -20.48
C8 DMU B . -3.05 15.78 -20.68
C9 DMU B . -4.33 15.80 -21.59
O1 DMU B . -5.00 17.17 -21.45
C10 DMU B . -4.88 17.75 -20.10
O2 DMU B . -2.06 14.98 -21.28
O3 DMU B . -3.13 19.42 -20.06
O4 DMU B . -1.25 17.07 -19.73
C11 DMU B . -5.23 14.78 -21.19
O6 DMU B . -6.28 14.71 -22.11
#